data_9AZ0
#
_entry.id   9AZ0
#
_cell.length_a   64.434
_cell.length_b   71.639
_cell.length_c   76.638
_cell.angle_alpha   90.000
_cell.angle_beta   109.230
_cell.angle_gamma   90.000
#
_symmetry.space_group_name_H-M   'C 1 2 1'
#
loop_
_entity.id
_entity.type
_entity.pdbx_description
1 polymer 'Dyp-type peroxidase'
2 non-polymer 'PROTOPORPHYRIN IX CONTAINING FE'
3 non-polymer 'OXYGEN MOLECULE'
4 water water
#
_entity_poly.entity_id   1
_entity_poly.type   'polypeptide(L)'
_entity_poly.pdbx_seq_one_letter_code
;AERPQEDQSGGTDRVAAVRREALAGVVGDGRHQPGIADRPPAQLVFTAYDLTTSGPAAVRTSLAAVLRTWTAAAAVLMRG
EPLDGAERDTQGLGPAGLTITIGLGASALRRAGLDAQIPAEFADIPAMPGDQLDLARSGGDLGVQVCAEDPMVAVSASRQ
MRRLAAQDARPRWIQRGFLRSAAAAFNPGSTPRNLMGQIDGTDNPGPGTPRFDRAVWVSSGPEWMRDGSYLVCRRIRMLL
DAWARLDETAQSAVIGRRKSDGTALSAPPVGQGGAETIQPDFTARAADGSLAIAGNAHVRLSHPSFHGGIAMLRRGYSYD
DGLDSAGEPDAGLFFAAYQADPRTAFVAVQRTLAAGDALNTFIRHTSSALFAVPPAAPAGGFLAQGLFGAG
;
_entity_poly.pdbx_strand_id   A
#
# COMPACT_ATOMS: atom_id res chain seq x y z
N GLY A 30 19.69 4.72 -2.12
CA GLY A 30 20.75 4.70 -1.14
C GLY A 30 20.42 3.92 0.12
N ARG A 31 19.67 4.53 1.02
CA ARG A 31 19.33 3.91 2.29
C ARG A 31 18.07 3.07 2.22
N HIS A 32 17.17 3.36 1.28
CA HIS A 32 15.84 2.78 1.28
C HIS A 32 15.64 1.86 0.09
N GLN A 33 14.79 0.86 0.28
CA GLN A 33 14.30 0.07 -0.85
C GLN A 33 13.56 0.97 -1.84
N PRO A 34 13.69 0.71 -3.13
CA PRO A 34 12.87 1.42 -4.12
C PRO A 34 11.42 0.98 -4.02
N GLY A 35 10.57 1.68 -4.78
CA GLY A 35 9.17 1.33 -4.82
C GLY A 35 8.32 1.91 -3.71
N ILE A 36 8.83 2.91 -2.98
CA ILE A 36 8.09 3.51 -1.89
C ILE A 36 8.00 5.01 -2.16
N ALA A 37 9.15 5.67 -2.22
CA ALA A 37 9.18 7.08 -2.57
C ALA A 37 9.05 7.34 -4.07
N ASP A 38 9.35 6.33 -4.91
CA ASP A 38 9.13 6.44 -6.34
C ASP A 38 7.65 6.72 -6.63
N ARG A 39 7.40 7.52 -7.67
CA ARG A 39 6.03 7.71 -8.14
C ARG A 39 5.45 6.37 -8.61
N PRO A 40 4.28 5.97 -8.15
CA PRO A 40 3.77 4.63 -8.50
C PRO A 40 3.40 4.55 -9.97
N PRO A 41 3.91 3.53 -10.68
CA PRO A 41 3.57 3.39 -12.10
C PRO A 41 2.26 2.64 -12.28
N ALA A 42 1.92 2.35 -13.54
CA ALA A 42 0.56 1.95 -13.88
C ALA A 42 0.18 0.56 -13.37
N GLN A 43 1.14 -0.32 -13.09
CA GLN A 43 0.81 -1.73 -12.85
C GLN A 43 1.41 -2.21 -11.53
N LEU A 44 0.62 -3.03 -10.81
CA LEU A 44 1.04 -3.66 -9.57
C LEU A 44 0.76 -5.15 -9.61
N VAL A 45 1.72 -5.95 -9.13
CA VAL A 45 1.46 -7.34 -8.77
C VAL A 45 2.04 -7.53 -7.38
N PHE A 46 1.18 -7.74 -6.39
CA PHE A 46 1.60 -7.97 -5.01
C PHE A 46 1.39 -9.42 -4.67
N THR A 47 2.45 -10.09 -4.22
CA THR A 47 2.35 -11.49 -3.83
C THR A 47 2.78 -11.64 -2.38
N ALA A 48 1.92 -12.25 -1.58
CA ALA A 48 2.33 -12.70 -0.25
C ALA A 48 2.68 -14.19 -0.31
N TYR A 49 3.74 -14.56 0.40
CA TYR A 49 4.31 -15.92 0.36
C TYR A 49 4.33 -16.50 1.76
N ASP A 50 4.19 -17.82 1.86
CA ASP A 50 4.38 -18.53 3.12
C ASP A 50 5.58 -19.45 2.98
N LEU A 51 6.46 -19.44 4.00
CA LEU A 51 7.57 -20.39 4.03
C LEU A 51 7.05 -21.81 4.21
N THR A 52 7.60 -22.74 3.44
CA THR A 52 6.97 -24.05 3.37
C THR A 52 7.56 -25.09 4.34
N THR A 53 8.75 -24.85 4.91
CA THR A 53 9.25 -25.79 5.90
C THR A 53 8.62 -25.52 7.27
N SER A 54 9.06 -26.29 8.27
CA SER A 54 8.56 -26.17 9.65
C SER A 54 9.72 -26.24 10.62
N GLY A 55 9.54 -25.58 11.77
CA GLY A 55 10.50 -25.62 12.84
C GLY A 55 11.39 -24.39 12.81
N PRO A 56 11.67 -23.80 13.98
CA PRO A 56 12.38 -22.51 13.97
C PRO A 56 13.73 -22.53 13.28
N ALA A 57 14.56 -23.53 13.56
CA ALA A 57 15.87 -23.55 12.91
C ALA A 57 15.74 -23.69 11.40
N ALA A 58 14.85 -24.56 10.94
CA ALA A 58 14.68 -24.74 9.50
C ALA A 58 14.03 -23.52 8.85
N VAL A 59 13.04 -22.93 9.51
CA VAL A 59 12.42 -21.72 8.96
C VAL A 59 13.42 -20.57 8.91
N ARG A 60 14.26 -20.43 9.96
CA ARG A 60 15.30 -19.40 9.94
C ARG A 60 16.20 -19.54 8.72
N THR A 61 16.65 -20.76 8.47
CA THR A 61 17.53 -21.00 7.33
C THR A 61 16.82 -20.67 6.02
N SER A 62 15.56 -21.08 5.88
CA SER A 62 14.80 -20.81 4.66
C SER A 62 14.58 -19.31 4.47
N LEU A 63 14.24 -18.61 5.55
CA LEU A 63 13.99 -17.17 5.45
C LEU A 63 15.22 -16.44 4.94
N ALA A 64 16.39 -16.77 5.50
CA ALA A 64 17.61 -16.13 5.03
C ALA A 64 17.89 -16.50 3.59
N ALA A 65 17.66 -17.76 3.22
CA ALA A 65 17.94 -18.21 1.86
C ALA A 65 17.09 -17.44 0.85
N VAL A 66 15.80 -17.26 1.14
CA VAL A 66 14.93 -16.55 0.20
C VAL A 66 15.32 -15.08 0.13
N LEU A 67 15.58 -14.45 1.28
CA LEU A 67 15.98 -13.05 1.26
C LEU A 67 17.29 -12.87 0.52
N ARG A 68 18.23 -13.79 0.69
CA ARG A 68 19.50 -13.71 -0.03
C ARG A 68 19.28 -13.77 -1.54
N THR A 69 18.53 -14.78 -1.99
CA THR A 69 18.31 -14.94 -3.43
C THR A 69 17.50 -13.80 -3.99
N TRP A 70 16.49 -13.33 -3.26
CA TRP A 70 15.62 -12.28 -3.78
C TRP A 70 16.35 -10.95 -3.86
N THR A 71 17.21 -10.65 -2.88
CA THR A 71 17.92 -9.38 -2.94
C THR A 71 18.77 -9.30 -4.20
N ALA A 72 19.45 -10.38 -4.52
CA ALA A 72 20.33 -10.36 -5.68
C ALA A 72 19.53 -10.32 -6.96
N ALA A 73 18.47 -11.11 -7.05
CA ALA A 73 17.67 -11.18 -8.26
C ALA A 73 16.94 -9.88 -8.51
N ALA A 74 16.41 -9.26 -7.46
CA ALA A 74 15.67 -8.02 -7.63
C ALA A 74 16.58 -6.94 -8.20
N ALA A 75 17.85 -6.94 -7.81
CA ALA A 75 18.80 -5.96 -8.34
C ALA A 75 19.06 -6.18 -9.82
N VAL A 76 19.26 -7.44 -10.22
CA VAL A 76 19.47 -7.75 -11.63
C VAL A 76 18.26 -7.30 -12.44
N LEU A 77 17.06 -7.65 -11.96
CA LEU A 77 15.85 -7.33 -12.69
C LEU A 77 15.65 -5.83 -12.78
N MET A 78 15.92 -5.09 -11.70
CA MET A 78 15.65 -3.66 -11.75
C MET A 78 16.68 -2.92 -12.60
N ARG A 79 17.89 -3.49 -12.76
CA ARG A 79 18.86 -2.93 -13.69
C ARG A 79 18.55 -3.26 -15.14
N GLY A 80 17.55 -4.10 -15.40
CA GLY A 80 17.22 -4.50 -16.76
C GLY A 80 18.16 -5.50 -17.35
N GLU A 81 18.93 -6.21 -16.51
CA GLU A 81 19.91 -7.21 -16.90
C GLU A 81 19.27 -8.59 -16.98
N PRO A 82 19.81 -9.48 -17.83
CA PRO A 82 19.21 -10.82 -17.97
C PRO A 82 19.41 -11.64 -16.70
N LEU A 83 18.31 -12.18 -16.18
CA LEU A 83 18.33 -13.05 -15.01
C LEU A 83 18.49 -14.49 -15.46
N ASP A 84 19.49 -15.17 -14.91
CA ASP A 84 19.68 -16.58 -15.22
C ASP A 84 18.40 -17.37 -14.98
N GLY A 85 18.01 -18.16 -15.96
CA GLY A 85 16.84 -19.00 -15.86
C GLY A 85 15.52 -18.31 -16.14
N ALA A 86 15.54 -17.05 -16.57
CA ALA A 86 14.29 -16.32 -16.81
C ALA A 86 13.58 -16.82 -18.07
N GLU A 87 12.32 -16.45 -18.18
CA GLU A 87 11.50 -16.73 -19.33
C GLU A 87 11.60 -15.58 -20.32
N ARG A 88 11.36 -15.87 -21.60
CA ARG A 88 11.44 -14.86 -22.65
C ARG A 88 10.16 -14.02 -22.76
N ASP A 89 9.36 -13.93 -21.70
CA ASP A 89 8.09 -13.22 -21.82
C ASP A 89 8.27 -11.71 -21.98
N THR A 90 9.42 -11.16 -21.59
CA THR A 90 9.71 -9.75 -21.81
C THR A 90 10.74 -9.52 -22.91
N GLN A 91 11.07 -10.55 -23.71
CA GLN A 91 12.04 -10.33 -24.76
C GLN A 91 11.49 -9.35 -25.78
N GLY A 92 12.27 -8.32 -26.08
CA GLY A 92 11.82 -7.24 -26.94
C GLY A 92 11.25 -6.03 -26.20
N LEU A 93 11.32 -6.03 -24.87
CA LEU A 93 10.85 -4.94 -24.04
C LEU A 93 11.99 -4.27 -23.29
N GLY A 94 11.81 -2.99 -22.99
CA GLY A 94 12.64 -2.28 -22.03
C GLY A 94 12.18 -2.48 -20.60
N PRO A 95 12.85 -1.80 -19.63
CA PRO A 95 12.63 -2.11 -18.20
C PRO A 95 11.34 -1.57 -17.61
N ALA A 96 10.82 -0.47 -18.17
CA ALA A 96 9.47 0.03 -17.86
C ALA A 96 9.29 0.41 -16.39
N GLY A 97 10.31 1.01 -15.78
CA GLY A 97 10.18 1.51 -14.42
C GLY A 97 9.98 0.44 -13.37
N LEU A 98 10.48 -0.77 -13.62
CA LEU A 98 10.28 -1.89 -12.72
C LEU A 98 10.89 -1.61 -11.34
N THR A 99 10.08 -1.77 -10.30
CA THR A 99 10.59 -1.76 -8.94
C THR A 99 10.10 -3.00 -8.23
N ILE A 100 10.93 -3.50 -7.31
CA ILE A 100 10.63 -4.70 -6.54
C ILE A 100 10.94 -4.37 -5.09
N THR A 101 9.93 -4.45 -4.23
CA THR A 101 9.98 -4.05 -2.82
C THR A 101 9.61 -5.26 -1.98
N ILE A 102 10.41 -5.57 -0.96
CA ILE A 102 10.28 -6.83 -0.24
C ILE A 102 10.07 -6.56 1.24
N GLY A 103 9.07 -7.21 1.83
CA GLY A 103 8.78 -7.08 3.25
C GLY A 103 8.63 -8.42 3.95
N LEU A 104 8.80 -8.38 5.26
CA LEU A 104 8.70 -9.56 6.12
C LEU A 104 7.44 -9.47 6.95
N GLY A 105 6.68 -10.56 7.01
CA GLY A 105 5.58 -10.64 7.95
C GLY A 105 6.07 -10.98 9.33
N ALA A 106 5.32 -10.54 10.34
CA ALA A 106 5.65 -10.89 11.72
C ALA A 106 5.65 -12.40 11.92
N SER A 107 4.82 -13.12 11.14
CA SER A 107 4.80 -14.57 11.24
C SER A 107 6.12 -15.20 10.80
N ALA A 108 6.84 -14.55 9.88
CA ALA A 108 8.15 -15.08 9.50
C ALA A 108 9.09 -15.06 10.69
N LEU A 109 9.12 -13.94 11.43
CA LEU A 109 10.01 -13.88 12.58
C LEU A 109 9.54 -14.82 13.68
N ARG A 110 8.23 -14.90 13.90
CA ARG A 110 7.70 -15.85 14.89
C ARG A 110 8.07 -17.28 14.54
N ARG A 111 7.83 -17.67 13.27
CA ARG A 111 8.10 -19.04 12.86
C ARG A 111 9.59 -19.35 12.90
N ALA A 112 10.44 -18.33 12.76
CA ALA A 112 11.90 -18.51 12.77
C ALA A 112 12.49 -18.38 14.17
N GLY A 113 11.65 -18.18 15.19
CA GLY A 113 12.17 -18.03 16.52
C GLY A 113 12.86 -16.71 16.77
N LEU A 114 12.56 -15.70 15.97
CA LEU A 114 13.17 -14.38 16.07
C LEU A 114 12.27 -13.39 16.77
N ASP A 115 11.40 -13.88 17.67
CA ASP A 115 10.40 -13.02 18.32
C ASP A 115 11.03 -11.81 18.99
N ALA A 116 12.21 -11.97 19.59
CA ALA A 116 12.84 -10.88 20.32
C ALA A 116 13.17 -9.70 19.43
N GLN A 117 13.22 -9.89 18.11
CA GLN A 117 13.58 -8.83 17.19
C GLN A 117 12.37 -8.19 16.51
N ILE A 118 11.16 -8.50 16.98
CA ILE A 118 9.94 -7.85 16.49
C ILE A 118 9.84 -6.53 17.24
N PRO A 119 9.99 -5.38 16.57
CA PRO A 119 9.88 -4.10 17.29
C PRO A 119 8.44 -3.84 17.72
N ALA A 120 8.30 -2.87 18.64
CA ALA A 120 6.98 -2.53 19.14
C ALA A 120 6.06 -2.10 17.99
N GLU A 121 6.60 -1.40 16.99
CA GLU A 121 5.82 -0.90 15.87
C GLU A 121 5.23 -2.01 15.02
N PHE A 122 5.83 -3.21 15.05
CA PHE A 122 5.52 -4.38 14.25
C PHE A 122 4.39 -5.21 14.88
N ALA A 123 3.64 -4.63 15.82
CA ALA A 123 2.51 -5.30 16.44
C ALA A 123 1.46 -5.68 15.39
N ASP A 124 0.73 -6.75 15.67
CA ASP A 124 -0.31 -7.19 14.75
C ASP A 124 -1.37 -6.12 14.59
N ILE A 125 -1.96 -6.07 13.40
CA ILE A 125 -3.10 -5.20 13.13
C ILE A 125 -4.32 -5.78 13.83
N PRO A 126 -4.95 -5.05 14.74
CA PRO A 126 -6.07 -5.65 15.49
C PRO A 126 -7.30 -5.76 14.61
N ALA A 127 -8.14 -6.75 14.94
CA ALA A 127 -9.47 -6.85 14.34
C ALA A 127 -10.23 -5.57 14.61
N MET A 128 -11.01 -5.13 13.62
CA MET A 128 -11.71 -3.89 13.81
C MET A 128 -13.13 -4.02 13.31
N PRO A 129 -14.06 -3.23 13.85
CA PRO A 129 -15.47 -3.39 13.47
C PRO A 129 -15.67 -3.22 11.98
N GLY A 130 -16.51 -4.09 11.41
CA GLY A 130 -16.78 -4.08 10.00
C GLY A 130 -15.83 -4.91 9.16
N ASP A 131 -14.73 -5.40 9.75
CA ASP A 131 -13.80 -6.26 9.02
C ASP A 131 -14.55 -7.43 8.38
N GLN A 132 -14.17 -7.75 7.15
CA GLN A 132 -14.64 -8.97 6.48
C GLN A 132 -13.45 -9.69 5.85
N LEU A 133 -12.42 -9.93 6.66
CA LEU A 133 -11.15 -10.37 6.11
C LEU A 133 -11.23 -11.81 5.64
N ASP A 134 -10.81 -12.04 4.40
CA ASP A 134 -10.62 -13.39 3.88
C ASP A 134 -9.26 -13.89 4.35
N LEU A 135 -9.26 -14.93 5.20
CA LEU A 135 -8.02 -15.47 5.74
C LEU A 135 -7.05 -15.88 4.64
N ALA A 136 -7.56 -16.45 3.55
CA ALA A 136 -6.69 -16.92 2.48
C ALA A 136 -6.02 -15.78 1.74
N ARG A 137 -6.58 -14.58 1.81
CA ARG A 137 -6.04 -13.40 1.14
C ARG A 137 -5.31 -12.49 2.11
N SER A 138 -5.08 -12.94 3.34
CA SER A 138 -4.56 -12.07 4.40
C SER A 138 -3.24 -12.60 4.93
N GLY A 139 -2.50 -11.70 5.58
CA GLY A 139 -1.24 -12.07 6.21
C GLY A 139 -0.20 -12.54 5.20
N GLY A 140 0.72 -13.36 5.68
CA GLY A 140 1.81 -13.89 4.86
C GLY A 140 3.16 -13.69 5.54
N ASP A 141 4.06 -14.67 5.39
CA ASP A 141 5.41 -14.56 5.96
C ASP A 141 6.25 -13.53 5.22
N LEU A 142 6.02 -13.37 3.92
CA LEU A 142 6.81 -12.49 3.07
C LEU A 142 5.88 -11.79 2.09
N GLY A 143 6.22 -10.54 1.77
CA GLY A 143 5.43 -9.79 0.79
C GLY A 143 6.33 -9.19 -0.28
N VAL A 144 5.93 -9.32 -1.54
CA VAL A 144 6.70 -8.80 -2.66
C VAL A 144 5.80 -7.87 -3.47
N GLN A 145 6.14 -6.59 -3.50
CA GLN A 145 5.43 -5.58 -4.28
C GLN A 145 6.19 -5.36 -5.58
N VAL A 146 5.62 -5.80 -6.70
CA VAL A 146 6.22 -5.56 -8.01
C VAL A 146 5.42 -4.45 -8.70
N CYS A 147 6.12 -3.39 -9.10
CA CYS A 147 5.48 -2.30 -9.83
C CYS A 147 6.21 -2.05 -11.14
N ALA A 148 5.47 -1.79 -12.20
CA ALA A 148 6.07 -1.37 -13.46
C ALA A 148 5.04 -0.61 -14.25
N GLU A 149 5.50 0.09 -15.28
CA GLU A 149 4.56 0.77 -16.16
C GLU A 149 3.90 -0.18 -17.15
N ASP A 150 4.51 -1.35 -17.38
CA ASP A 150 4.07 -2.30 -18.39
C ASP A 150 3.52 -3.54 -17.71
N PRO A 151 2.35 -4.05 -18.13
CA PRO A 151 1.75 -5.19 -17.39
C PRO A 151 2.52 -6.49 -17.55
N MET A 152 3.09 -6.73 -18.74
CA MET A 152 3.91 -7.93 -18.92
C MET A 152 5.16 -7.88 -18.06
N VAL A 153 5.81 -6.70 -18.00
CA VAL A 153 7.02 -6.58 -17.18
C VAL A 153 6.70 -6.87 -15.72
N ALA A 154 5.56 -6.37 -15.23
CA ALA A 154 5.23 -6.58 -13.83
C ALA A 154 4.88 -8.04 -13.55
N VAL A 155 4.05 -8.66 -14.40
CA VAL A 155 3.73 -10.07 -14.20
C VAL A 155 4.98 -10.93 -14.36
N SER A 156 5.84 -10.61 -15.34
CA SER A 156 7.03 -11.42 -15.58
C SER A 156 7.96 -11.41 -14.39
N ALA A 157 8.25 -10.21 -13.87
CA ALA A 157 9.17 -10.11 -12.74
C ALA A 157 8.57 -10.78 -11.51
N SER A 158 7.27 -10.65 -11.32
CA SER A 158 6.63 -11.30 -10.18
C SER A 158 6.75 -12.80 -10.27
N ARG A 159 6.65 -13.36 -11.48
CA ARG A 159 6.80 -14.80 -11.62
C ARG A 159 8.23 -15.25 -11.44
N GLN A 160 9.20 -14.40 -11.79
CA GLN A 160 10.59 -14.77 -11.57
C GLN A 160 10.92 -14.81 -10.08
N MET A 161 10.39 -13.84 -9.32
CA MET A 161 10.61 -13.89 -7.88
C MET A 161 9.99 -15.15 -7.29
N ARG A 162 8.82 -15.53 -7.81
CA ARG A 162 8.14 -16.74 -7.35
C ARG A 162 8.98 -17.98 -7.65
N ARG A 163 9.48 -18.09 -8.88
CA ARG A 163 10.29 -19.24 -9.26
C ARG A 163 11.51 -19.38 -8.35
N LEU A 164 12.19 -18.26 -8.08
CA LEU A 164 13.44 -18.33 -7.33
C LEU A 164 13.23 -18.74 -5.88
N ALA A 165 12.04 -18.49 -5.32
CA ALA A 165 11.74 -18.87 -3.95
C ALA A 165 11.07 -20.24 -3.81
N ALA A 166 10.82 -20.94 -4.91
CA ALA A 166 9.87 -22.05 -4.93
C ALA A 166 10.21 -23.16 -3.94
N GLN A 167 11.50 -23.43 -3.69
CA GLN A 167 11.83 -24.53 -2.80
C GLN A 167 11.62 -24.17 -1.34
N ASP A 168 11.47 -22.88 -1.03
CA ASP A 168 11.34 -22.44 0.36
C ASP A 168 10.05 -21.69 0.65
N ALA A 169 9.29 -21.27 -0.37
CA ALA A 169 8.15 -20.42 -0.11
C ALA A 169 7.20 -20.52 -1.30
N ARG A 170 5.90 -20.48 -1.04
CA ARG A 170 4.87 -20.52 -2.07
C ARG A 170 3.91 -19.36 -1.89
N PRO A 171 3.36 -18.83 -2.97
CA PRO A 171 2.37 -17.75 -2.84
C PRO A 171 1.18 -18.19 -1.99
N ARG A 172 0.80 -17.29 -1.08
CA ARG A 172 -0.42 -17.40 -0.29
C ARG A 172 -1.57 -16.65 -0.95
N TRP A 173 -1.29 -15.46 -1.47
CA TRP A 173 -2.29 -14.69 -2.21
C TRP A 173 -1.57 -13.76 -3.17
N ILE A 174 -2.28 -13.40 -4.23
CA ILE A 174 -1.75 -12.55 -5.28
C ILE A 174 -2.81 -11.51 -5.65
N GLN A 175 -2.42 -10.24 -5.67
CA GLN A 175 -3.30 -9.17 -6.11
C GLN A 175 -2.66 -8.42 -7.28
N ARG A 176 -3.40 -8.30 -8.38
CA ARG A 176 -2.99 -7.41 -9.46
C ARG A 176 -3.79 -6.13 -9.34
N GLY A 177 -3.12 -5.00 -9.58
CA GLY A 177 -3.73 -3.70 -9.48
C GLY A 177 -3.21 -2.79 -10.56
N PHE A 178 -3.88 -1.65 -10.71
CA PHE A 178 -3.53 -0.73 -11.79
C PHE A 178 -3.85 0.71 -11.39
N LEU A 179 -3.21 1.63 -12.09
CA LEU A 179 -3.49 3.05 -12.02
C LEU A 179 -3.38 3.60 -13.44
N ARG A 180 -3.80 4.84 -13.63
CA ARG A 180 -3.70 5.40 -14.98
C ARG A 180 -2.26 5.41 -15.47
N SER A 181 -2.11 5.28 -16.79
CA SER A 181 -0.79 5.21 -17.39
C SER A 181 -0.21 6.60 -17.63
N ALA A 182 1.13 6.67 -17.64
CA ALA A 182 1.83 7.89 -17.98
C ALA A 182 1.49 8.36 -19.38
N ALA A 183 1.42 7.41 -20.32
CA ALA A 183 1.21 7.79 -21.72
C ALA A 183 -0.14 8.46 -21.91
N ALA A 184 -1.19 7.95 -21.25
CA ALA A 184 -2.52 8.52 -21.48
C ALA A 184 -2.78 9.76 -20.65
N ALA A 185 -2.08 9.92 -19.54
CA ALA A 185 -2.31 11.08 -18.68
C ALA A 185 -1.93 12.38 -19.39
N PHE A 186 -2.73 13.43 -19.19
CA PHE A 186 -2.30 14.75 -19.64
C PHE A 186 -0.93 15.07 -19.08
N ASN A 187 -0.68 14.69 -17.83
CA ASN A 187 0.62 14.81 -17.21
C ASN A 187 0.83 13.56 -16.37
N PRO A 188 1.95 12.84 -16.55
CA PRO A 188 2.16 11.63 -15.76
C PRO A 188 2.22 11.86 -14.26
N GLY A 189 2.42 13.10 -13.80
CA GLY A 189 2.49 13.36 -12.38
C GLY A 189 1.19 13.73 -11.72
N SER A 190 0.10 13.77 -12.47
CA SER A 190 -1.20 14.11 -11.86
C SER A 190 -1.65 13.03 -10.88
N THR A 191 -2.35 13.46 -9.84
CA THR A 191 -2.82 12.51 -8.85
C THR A 191 -3.82 11.55 -9.49
N PRO A 192 -3.68 10.24 -9.28
CA PRO A 192 -4.64 9.29 -9.87
C PRO A 192 -6.05 9.50 -9.38
N ARG A 193 -7.01 9.12 -10.22
CA ARG A 193 -8.39 8.91 -9.78
C ARG A 193 -8.57 7.45 -9.42
N ASN A 194 -9.49 7.18 -8.50
CA ASN A 194 -9.82 5.81 -8.16
C ASN A 194 -11.13 5.44 -8.85
N LEU A 195 -11.61 4.23 -8.60
CA LEU A 195 -12.79 3.75 -9.32
C LEU A 195 -14.08 4.37 -8.82
N MET A 196 -14.01 5.15 -7.75
CA MET A 196 -15.14 5.91 -7.26
C MET A 196 -15.14 7.30 -7.90
N GLY A 197 -14.17 7.55 -8.77
CA GLY A 197 -14.06 8.81 -9.45
C GLY A 197 -13.42 9.91 -8.64
N GLN A 198 -12.84 9.57 -7.49
CA GLN A 198 -12.23 10.55 -6.60
C GLN A 198 -10.75 10.73 -6.91
N ILE A 199 -10.29 11.98 -6.83
CA ILE A 199 -8.85 12.24 -6.76
C ILE A 199 -8.33 11.60 -5.48
N ASP A 200 -7.33 10.73 -5.61
CA ASP A 200 -6.88 9.88 -4.51
C ASP A 200 -5.37 10.07 -4.29
N GLY A 201 -5.01 10.87 -3.28
CA GLY A 201 -3.61 11.03 -2.89
C GLY A 201 -3.20 12.46 -2.54
N THR A 202 -4.15 13.38 -2.62
CA THR A 202 -3.86 14.82 -2.50
C THR A 202 -3.06 15.14 -1.24
N ASP A 203 -3.49 14.64 -0.08
CA ASP A 203 -2.84 15.02 1.17
C ASP A 203 -1.76 14.05 1.61
N ASN A 204 -1.32 13.14 0.73
CA ASN A 204 -0.09 12.41 0.96
C ASN A 204 1.06 13.38 1.17
N PRO A 205 2.04 13.04 2.00
CA PRO A 205 3.27 13.81 2.03
C PRO A 205 4.03 13.62 0.72
N GLY A 206 4.71 14.70 0.30
CA GLY A 206 5.41 14.68 -0.97
C GLY A 206 6.78 14.06 -0.84
N PRO A 207 7.17 13.23 -1.81
CA PRO A 207 8.48 12.57 -1.74
C PRO A 207 9.61 13.59 -1.70
N GLY A 208 10.63 13.29 -0.89
CA GLY A 208 11.77 14.17 -0.77
C GLY A 208 11.62 15.28 0.25
N THR A 209 10.55 15.29 1.02
CA THR A 209 10.31 16.33 2.01
C THR A 209 10.53 15.79 3.41
N PRO A 210 10.91 16.63 4.37
CA PRO A 210 11.01 16.15 5.75
C PRO A 210 9.70 15.58 6.28
N ARG A 211 8.55 16.12 5.84
CA ARG A 211 7.26 15.55 6.23
C ARG A 211 7.15 14.09 5.77
N PHE A 212 7.58 13.80 4.55
CA PHE A 212 7.56 12.43 4.06
C PHE A 212 8.47 11.53 4.89
N ASP A 213 9.71 11.98 5.11
CA ASP A 213 10.67 11.16 5.84
C ASP A 213 10.16 10.84 7.22
N ARG A 214 9.56 11.84 7.89
CA ARG A 214 9.01 11.65 9.23
C ARG A 214 7.83 10.67 9.23
N ALA A 215 6.97 10.77 8.22
CA ALA A 215 5.80 9.90 8.16
C ALA A 215 6.16 8.47 7.79
N VAL A 216 7.15 8.29 6.92
CA VAL A 216 7.34 7.01 6.23
C VAL A 216 8.45 6.17 6.83
N TRP A 217 9.60 6.76 7.15
CA TRP A 217 10.80 5.97 7.48
C TRP A 217 11.00 5.81 8.99
N VAL A 218 11.29 4.58 9.40
CA VAL A 218 11.67 4.28 10.78
C VAL A 218 13.03 4.91 11.08
N SER A 219 13.11 5.66 12.20
CA SER A 219 14.34 6.37 12.54
C SER A 219 14.86 6.03 13.94
N SER A 220 14.25 5.06 14.62
CA SER A 220 14.68 4.68 15.96
C SER A 220 14.33 3.22 16.15
N GLY A 221 14.84 2.64 17.24
CA GLY A 221 14.48 1.27 17.56
C GLY A 221 15.49 0.29 17.00
N PRO A 222 15.12 -0.99 16.97
CA PRO A 222 16.06 -2.03 16.50
C PRO A 222 16.65 -1.68 15.16
N GLU A 223 17.97 -1.86 15.08
CA GLU A 223 18.76 -1.43 13.93
C GLU A 223 18.25 -2.00 12.62
N TRP A 224 17.79 -3.26 12.62
CA TRP A 224 17.49 -3.90 11.34
C TRP A 224 16.33 -3.24 10.63
N MET A 225 15.52 -2.44 11.33
CA MET A 225 14.38 -1.81 10.68
C MET A 225 14.55 -0.30 10.50
N ARG A 226 15.62 0.30 11.00
CA ARG A 226 15.85 1.73 10.77
C ARG A 226 16.13 1.95 9.28
N ASP A 227 15.55 3.02 8.74
CA ASP A 227 15.48 3.33 7.30
C ASP A 227 14.58 2.35 6.56
N GLY A 228 13.86 1.48 7.27
CA GLY A 228 12.77 0.72 6.70
C GLY A 228 11.46 1.47 6.86
N SER A 229 10.38 0.81 6.44
CA SER A 229 9.03 1.32 6.64
C SER A 229 8.10 0.13 6.88
N TYR A 230 6.95 0.40 7.49
CA TYR A 230 5.94 -0.62 7.71
C TYR A 230 4.80 -0.42 6.71
N LEU A 231 4.44 -1.51 6.04
CA LEU A 231 3.44 -1.51 4.98
C LEU A 231 2.19 -2.22 5.48
N VAL A 232 1.03 -1.59 5.31
CA VAL A 232 -0.26 -2.21 5.62
C VAL A 232 -1.03 -2.31 4.31
N CYS A 233 -1.37 -3.53 3.92
CA CYS A 233 -2.21 -3.79 2.75
C CYS A 233 -3.63 -4.08 3.20
N ARG A 234 -4.62 -3.51 2.50
CA ARG A 234 -6.02 -3.88 2.69
C ARG A 234 -6.66 -3.92 1.32
N ARG A 235 -7.20 -5.08 0.94
CA ARG A 235 -7.96 -5.22 -0.31
C ARG A 235 -9.37 -4.75 -0.03
N ILE A 236 -9.70 -3.52 -0.44
CA ILE A 236 -10.96 -2.90 -0.06
C ILE A 236 -11.90 -2.92 -1.26
N ARG A 237 -12.93 -3.74 -1.18
CA ARG A 237 -13.92 -3.79 -2.25
C ARG A 237 -14.79 -2.55 -2.19
N MET A 238 -15.11 -2.02 -3.37
CA MET A 238 -16.00 -0.87 -3.49
C MET A 238 -17.37 -1.35 -3.97
N LEU A 239 -18.44 -0.91 -3.30
CA LEU A 239 -19.80 -1.23 -3.73
C LEU A 239 -20.22 -0.17 -4.75
N LEU A 240 -19.77 -0.37 -5.99
CA LEU A 240 -19.83 0.70 -6.97
C LEU A 240 -21.24 0.93 -7.48
N ASP A 241 -22.08 -0.12 -7.51
CA ASP A 241 -23.46 0.07 -7.94
C ASP A 241 -24.23 0.90 -6.93
N ALA A 242 -23.97 0.69 -5.64
CA ALA A 242 -24.62 1.53 -4.64
C ALA A 242 -24.07 2.94 -4.70
N TRP A 243 -22.75 3.08 -4.88
CA TRP A 243 -22.11 4.38 -5.02
C TRP A 243 -22.73 5.21 -6.14
N ALA A 244 -22.99 4.56 -7.28
CA ALA A 244 -23.49 5.27 -8.46
C ALA A 244 -24.90 5.80 -8.29
N ARG A 245 -25.64 5.31 -7.28
CA ARG A 245 -26.99 5.82 -7.06
C ARG A 245 -27.02 7.15 -6.32
N LEU A 246 -25.87 7.62 -5.81
CA LEU A 246 -25.77 8.94 -5.18
C LEU A 246 -25.47 9.98 -6.24
N ASP A 247 -26.03 11.18 -6.09
CA ASP A 247 -25.55 12.25 -6.95
C ASP A 247 -24.20 12.75 -6.46
N GLU A 248 -23.57 13.64 -7.23
CA GLU A 248 -22.20 14.02 -6.90
C GLU A 248 -22.14 14.86 -5.63
N THR A 249 -23.20 15.63 -5.34
CA THR A 249 -23.27 16.34 -4.07
C THR A 249 -23.17 15.36 -2.91
N ALA A 250 -23.96 14.29 -2.95
CA ALA A 250 -23.94 13.29 -1.87
C ALA A 250 -22.62 12.54 -1.84
N GLN A 251 -22.09 12.17 -3.01
CA GLN A 251 -20.78 11.51 -3.03
C GLN A 251 -19.69 12.42 -2.45
N SER A 252 -19.70 13.71 -2.81
CA SER A 252 -18.68 14.61 -2.28
C SER A 252 -18.77 14.69 -0.76
N ALA A 253 -20.00 14.71 -0.23
CA ALA A 253 -20.20 14.83 1.21
C ALA A 253 -19.67 13.62 1.97
N VAL A 254 -19.66 12.43 1.34
CA VAL A 254 -19.10 11.24 1.97
C VAL A 254 -17.63 11.45 2.30
N ILE A 255 -16.87 12.06 1.38
CA ILE A 255 -15.43 12.24 1.54
C ILE A 255 -15.11 13.51 2.31
N GLY A 256 -15.85 14.57 2.04
CA GLY A 256 -15.52 15.90 2.53
C GLY A 256 -14.84 16.77 1.49
N ARG A 257 -14.69 16.29 0.25
CA ARG A 257 -14.08 17.04 -0.83
C ARG A 257 -14.96 16.92 -2.07
N ARG A 258 -14.93 17.96 -2.90
CA ARG A 258 -15.67 17.93 -4.15
C ARG A 258 -15.13 16.84 -5.07
N LYS A 259 -16.05 16.06 -5.64
CA LYS A 259 -15.60 15.02 -6.56
C LYS A 259 -15.06 15.64 -7.85
N SER A 260 -15.56 16.81 -8.22
CA SER A 260 -15.12 17.44 -9.46
C SER A 260 -13.63 17.78 -9.43
N ASP A 261 -13.21 18.58 -8.43
CA ASP A 261 -11.88 19.16 -8.47
C ASP A 261 -11.06 18.86 -7.22
N GLY A 262 -11.55 18.01 -6.32
CA GLY A 262 -10.78 17.60 -5.17
C GLY A 262 -10.66 18.62 -4.06
N THR A 263 -11.31 19.78 -4.17
CA THR A 263 -11.19 20.79 -3.13
C THR A 263 -12.01 20.43 -1.90
N ALA A 264 -11.52 20.86 -0.75
CA ALA A 264 -12.27 20.67 0.50
C ALA A 264 -13.59 21.41 0.43
N LEU A 265 -14.64 20.78 0.97
CA LEU A 265 -15.96 21.42 0.91
C LEU A 265 -16.04 22.68 1.77
N SER A 266 -15.08 22.87 2.69
CA SER A 266 -14.97 24.08 3.48
C SER A 266 -14.27 25.21 2.73
N ALA A 267 -13.72 24.93 1.57
CA ALA A 267 -13.00 25.89 0.76
C ALA A 267 -13.75 26.15 -0.53
N PRO A 268 -13.45 27.22 -1.26
CA PRO A 268 -14.13 27.44 -2.55
C PRO A 268 -13.67 26.44 -3.58
N PRO A 269 -14.48 26.19 -4.61
CA PRO A 269 -14.04 25.32 -5.70
C PRO A 269 -13.00 26.04 -6.55
N VAL A 270 -12.26 25.26 -7.32
CA VAL A 270 -11.36 25.85 -8.30
C VAL A 270 -12.16 26.77 -9.22
N GLY A 271 -11.61 27.96 -9.49
CA GLY A 271 -12.29 28.98 -10.25
C GLY A 271 -12.94 30.05 -9.40
N GLN A 272 -13.20 29.77 -8.13
CA GLN A 272 -13.72 30.75 -7.17
C GLN A 272 -12.70 30.93 -6.04
N GLY A 273 -11.42 30.76 -6.37
CA GLY A 273 -10.34 30.91 -5.40
C GLY A 273 -9.82 29.62 -4.81
N GLY A 274 -10.37 28.47 -5.24
CA GLY A 274 -10.00 27.22 -4.64
C GLY A 274 -8.71 26.66 -5.22
N ALA A 275 -8.15 25.71 -4.48
CA ALA A 275 -6.96 24.97 -4.88
C ALA A 275 -6.90 23.73 -3.99
N GLU A 276 -6.48 22.61 -4.56
CA GLU A 276 -6.56 21.40 -3.75
C GLU A 276 -5.56 21.38 -2.59
N THR A 277 -4.57 22.28 -2.57
CA THR A 277 -3.66 22.39 -1.42
C THR A 277 -4.29 23.11 -0.23
N ILE A 278 -5.43 23.77 -0.40
CA ILE A 278 -6.07 24.46 0.72
C ILE A 278 -6.63 23.41 1.67
N GLN A 279 -6.13 23.40 2.92
CA GLN A 279 -6.49 22.37 3.87
C GLN A 279 -7.96 22.46 4.28
N PRO A 280 -8.57 21.32 4.61
CA PRO A 280 -9.94 21.35 5.15
C PRO A 280 -10.00 22.14 6.45
N ASP A 281 -11.13 22.80 6.66
CA ASP A 281 -11.43 23.59 7.86
C ASP A 281 -12.65 22.93 8.47
N PHE A 282 -12.46 22.29 9.62
CA PHE A 282 -13.48 21.40 10.13
C PHE A 282 -14.54 22.10 10.96
N THR A 283 -14.47 23.41 11.12
CA THR A 283 -15.59 24.14 11.73
C THR A 283 -16.27 25.10 10.78
N ALA A 284 -15.79 25.24 9.55
CA ALA A 284 -16.41 26.15 8.60
C ALA A 284 -17.84 25.74 8.30
N ARG A 285 -18.68 26.73 8.04
CA ARG A 285 -20.06 26.52 7.66
C ARG A 285 -20.23 26.74 6.16
N ALA A 286 -21.06 25.91 5.55
CA ALA A 286 -21.39 26.12 4.14
C ALA A 286 -22.36 27.29 3.98
N ALA A 287 -22.63 27.64 2.72
CA ALA A 287 -23.51 28.76 2.44
C ALA A 287 -24.89 28.57 3.03
N ASP A 288 -25.37 27.33 3.08
CA ASP A 288 -26.69 27.04 3.64
C ASP A 288 -26.67 26.93 5.16
N GLY A 289 -25.56 27.29 5.80
CA GLY A 289 -25.46 27.28 7.24
C GLY A 289 -25.06 25.96 7.86
N SER A 290 -25.02 24.88 7.08
CA SER A 290 -24.64 23.59 7.63
C SER A 290 -23.12 23.51 7.81
N LEU A 291 -22.69 22.54 8.63
CA LEU A 291 -21.27 22.24 8.74
C LEU A 291 -20.74 21.81 7.38
N ALA A 292 -19.72 22.52 6.89
CA ALA A 292 -19.31 22.32 5.50
C ALA A 292 -18.80 20.89 5.28
N ILE A 293 -17.93 20.42 6.16
CA ILE A 293 -17.43 19.06 6.09
C ILE A 293 -18.17 18.26 7.15
N ALA A 294 -18.84 17.21 6.73
CA ALA A 294 -19.71 16.47 7.64
C ALA A 294 -18.92 15.85 8.77
N GLY A 295 -19.58 15.67 9.92
CA GLY A 295 -18.95 15.05 11.06
C GLY A 295 -18.54 13.62 10.82
N ASN A 296 -19.08 12.98 9.78
CA ASN A 296 -18.68 11.62 9.43
C ASN A 296 -17.93 11.56 8.11
N ALA A 297 -17.42 12.70 7.62
CA ALA A 297 -16.68 12.70 6.37
C ALA A 297 -15.35 11.96 6.51
N HIS A 298 -15.02 11.20 5.47
CA HIS A 298 -13.78 10.43 5.45
C HIS A 298 -12.57 11.28 5.78
N VAL A 299 -12.46 12.46 5.16
CA VAL A 299 -11.28 13.31 5.36
C VAL A 299 -11.24 13.87 6.78
N ARG A 300 -12.41 14.12 7.37
CA ARG A 300 -12.43 14.58 8.76
C ARG A 300 -11.89 13.50 9.69
N LEU A 301 -12.32 12.26 9.50
CA LEU A 301 -11.96 11.22 10.43
C LEU A 301 -10.53 10.72 10.24
N SER A 302 -9.94 10.95 9.07
CA SER A 302 -8.58 10.49 8.80
C SER A 302 -7.51 11.58 8.91
N HIS A 303 -7.91 12.83 9.12
CA HIS A 303 -6.95 13.92 8.99
C HIS A 303 -5.94 13.88 10.13
N PRO A 304 -4.67 14.20 9.86
CA PRO A 304 -3.65 14.14 10.92
C PRO A 304 -3.98 14.94 12.17
N SER A 305 -4.74 16.03 12.03
CA SER A 305 -5.05 16.88 13.18
C SER A 305 -5.99 16.20 14.16
N PHE A 306 -6.57 15.05 13.80
CA PHE A 306 -7.31 14.24 14.76
C PHE A 306 -6.48 13.05 15.26
N HIS A 307 -5.21 12.99 14.89
CA HIS A 307 -4.40 11.80 15.15
C HIS A 307 -2.98 12.19 15.51
N GLY A 308 -2.85 13.30 16.25
CA GLY A 308 -1.54 13.70 16.74
C GLY A 308 -0.60 14.18 15.67
N GLY A 309 -1.12 14.66 14.54
CA GLY A 309 -0.27 15.09 13.46
C GLY A 309 0.32 13.98 12.62
N ILE A 310 -0.03 12.73 12.89
CA ILE A 310 0.60 11.60 12.21
C ILE A 310 0.01 11.43 10.81
N ALA A 311 0.89 11.39 9.82
CA ALA A 311 0.52 11.14 8.43
C ALA A 311 1.04 9.79 7.99
N MET A 312 0.65 9.43 6.78
CA MET A 312 0.98 8.15 6.19
C MET A 312 1.08 8.36 4.69
N LEU A 313 1.83 7.46 4.03
CA LEU A 313 1.92 7.48 2.57
C LEU A 313 0.99 6.41 2.02
N ARG A 314 -0.10 6.84 1.37
CA ARG A 314 -1.03 5.93 0.73
C ARG A 314 -0.55 5.71 -0.70
N ARG A 315 -0.20 4.48 -1.02
CA ARG A 315 0.39 4.11 -2.30
C ARG A 315 -0.39 2.96 -2.89
N GLY A 316 -1.73 3.13 -2.94
CA GLY A 316 -2.60 2.05 -3.35
C GLY A 316 -2.87 2.04 -4.85
N TYR A 317 -3.51 0.96 -5.27
CA TYR A 317 -3.79 0.69 -6.68
C TYR A 317 -5.26 0.32 -6.81
N SER A 318 -5.90 0.76 -7.89
CA SER A 318 -7.22 0.22 -8.19
C SER A 318 -7.10 -1.27 -8.52
N TYR A 319 -8.16 -2.01 -8.27
CA TYR A 319 -8.21 -3.40 -8.72
C TYR A 319 -9.58 -3.72 -9.29
N ASP A 320 -9.62 -4.71 -10.18
CA ASP A 320 -10.90 -5.17 -10.73
C ASP A 320 -10.69 -6.65 -11.02
N ASP A 321 -11.25 -7.50 -10.14
CA ASP A 321 -11.08 -8.94 -10.26
C ASP A 321 -12.32 -9.60 -10.84
N GLY A 322 -13.10 -8.87 -11.61
CA GLY A 322 -14.22 -9.44 -12.33
C GLY A 322 -15.40 -9.71 -11.43
N LEU A 323 -15.84 -10.96 -11.38
CA LEU A 323 -16.93 -11.37 -10.52
C LEU A 323 -16.40 -12.30 -9.43
N ASP A 324 -16.96 -12.19 -8.23
CA ASP A 324 -16.58 -13.09 -7.15
C ASP A 324 -17.27 -14.44 -7.38
N SER A 325 -17.23 -15.29 -6.35
CA SER A 325 -17.79 -16.63 -6.47
C SER A 325 -19.31 -16.62 -6.65
N ALA A 326 -19.99 -15.57 -6.19
CA ALA A 326 -21.44 -15.51 -6.28
C ALA A 326 -21.92 -14.75 -7.51
N GLY A 327 -21.02 -14.38 -8.42
CA GLY A 327 -21.41 -13.60 -9.58
C GLY A 327 -21.55 -12.12 -9.33
N GLU A 328 -21.07 -11.63 -8.19
CA GLU A 328 -21.21 -10.20 -7.99
C GLU A 328 -19.90 -9.49 -8.30
N PRO A 329 -19.97 -8.25 -8.78
CA PRO A 329 -18.74 -7.52 -9.12
C PRO A 329 -17.82 -7.40 -7.93
N ASP A 330 -16.51 -7.52 -8.21
CA ASP A 330 -15.46 -7.48 -7.20
C ASP A 330 -14.35 -6.57 -7.73
N ALA A 331 -14.49 -5.27 -7.49
CA ALA A 331 -13.47 -4.29 -7.82
C ALA A 331 -13.35 -3.31 -6.65
N GLY A 332 -12.21 -2.62 -6.58
CA GLY A 332 -12.05 -1.68 -5.49
C GLY A 332 -10.70 -1.04 -5.46
N LEU A 333 -10.16 -0.91 -4.26
CA LEU A 333 -8.88 -0.28 -4.00
C LEU A 333 -8.03 -1.25 -3.21
N PHE A 334 -6.90 -1.65 -3.78
CA PHE A 334 -5.87 -2.33 -3.00
C PHE A 334 -5.06 -1.26 -2.27
N PHE A 335 -5.48 -1.02 -1.04
CA PHE A 335 -4.89 -0.02 -0.18
C PHE A 335 -3.51 -0.50 0.29
N ALA A 336 -2.50 0.37 0.18
CA ALA A 336 -1.13 0.00 0.53
C ALA A 336 -0.46 1.24 1.13
N ALA A 337 -0.43 1.32 2.46
CA ALA A 337 0.09 2.48 3.17
C ALA A 337 1.44 2.17 3.82
N TYR A 338 2.37 3.11 3.70
CA TYR A 338 3.67 3.03 4.36
C TYR A 338 3.73 4.05 5.50
N GLN A 339 4.40 3.67 6.59
CA GLN A 339 4.39 4.51 7.80
C GLN A 339 5.50 4.03 8.71
N ALA A 340 6.02 4.95 9.52
CA ALA A 340 7.03 4.60 10.52
C ALA A 340 6.45 3.76 11.64
N ASP A 341 5.15 3.90 11.93
CA ASP A 341 4.52 3.24 13.07
C ASP A 341 3.04 2.98 12.75
N PRO A 342 2.69 1.76 12.35
CA PRO A 342 1.28 1.46 12.05
C PRO A 342 0.34 1.71 13.21
N ARG A 343 0.85 1.61 14.45
CA ARG A 343 -0.04 1.82 15.59
C ARG A 343 -0.64 3.22 15.59
N THR A 344 0.15 4.23 15.22
CA THR A 344 -0.34 5.61 15.26
C THR A 344 -0.81 6.13 13.92
N ALA A 345 -0.50 5.40 12.84
CA ALA A 345 -0.94 5.74 11.50
C ALA A 345 -2.12 4.86 11.13
N PHE A 346 -1.88 3.77 10.38
CA PHE A 346 -3.01 2.98 9.87
C PHE A 346 -4.00 2.61 10.96
N VAL A 347 -3.51 2.01 12.06
CA VAL A 347 -4.44 1.43 13.02
C VAL A 347 -5.25 2.53 13.70
N ALA A 348 -4.59 3.60 14.14
CA ALA A 348 -5.30 4.68 14.80
C ALA A 348 -6.34 5.30 13.88
N VAL A 349 -6.01 5.49 12.61
CA VAL A 349 -6.97 6.07 11.67
C VAL A 349 -8.09 5.09 11.38
N GLN A 350 -7.76 3.81 11.11
CA GLN A 350 -8.81 2.85 10.77
C GLN A 350 -9.78 2.63 11.93
N ARG A 351 -9.29 2.68 13.18
CA ARG A 351 -10.20 2.58 14.32
C ARG A 351 -11.27 3.67 14.28
N THR A 352 -10.85 4.90 13.95
CA THR A 352 -11.80 6.00 13.83
C THR A 352 -12.73 5.80 12.65
N LEU A 353 -12.18 5.40 11.50
CA LEU A 353 -13.02 5.19 10.32
C LEU A 353 -14.06 4.11 10.58
N ALA A 354 -13.65 2.99 11.18
CA ALA A 354 -14.56 1.88 11.41
C ALA A 354 -15.73 2.29 12.27
N ALA A 355 -15.51 3.23 13.19
CA ALA A 355 -16.57 3.65 14.09
C ALA A 355 -17.58 4.59 13.44
N GLY A 356 -17.22 5.32 12.38
CA GLY A 356 -18.16 6.33 11.94
C GLY A 356 -18.10 6.87 10.52
N ASP A 357 -17.18 6.37 9.70
CA ASP A 357 -16.96 6.94 8.38
C ASP A 357 -18.16 6.76 7.48
N ALA A 358 -18.64 7.86 6.87
CA ALA A 358 -19.69 7.78 5.86
C ALA A 358 -19.30 6.82 4.73
N LEU A 359 -18.01 6.72 4.45
CA LEU A 359 -17.55 5.84 3.38
C LEU A 359 -17.85 4.38 3.66
N ASN A 360 -18.04 4.00 4.93
CA ASN A 360 -18.20 2.59 5.27
C ASN A 360 -19.37 1.94 4.53
N THR A 361 -20.42 2.73 4.21
CA THR A 361 -21.57 2.19 3.50
C THR A 361 -21.18 1.58 2.17
N PHE A 362 -20.08 2.06 1.57
CA PHE A 362 -19.74 1.74 0.20
C PHE A 362 -18.47 0.92 0.03
N ILE A 363 -17.86 0.43 1.13
CA ILE A 363 -16.61 -0.31 1.04
C ILE A 363 -16.65 -1.50 1.99
N ARG A 364 -15.82 -2.51 1.68
CA ARG A 364 -15.66 -3.68 2.53
C ARG A 364 -14.19 -4.07 2.56
N HIS A 365 -13.59 -4.12 3.74
CA HIS A 365 -12.21 -4.58 3.84
C HIS A 365 -12.18 -6.10 3.78
N THR A 366 -11.62 -6.65 2.70
CA THR A 366 -11.64 -8.09 2.46
C THR A 366 -10.30 -8.76 2.72
N SER A 367 -9.28 -8.01 3.10
CA SER A 367 -7.99 -8.60 3.46
C SER A 367 -7.20 -7.60 4.29
N SER A 368 -6.18 -8.12 4.97
CA SER A 368 -5.24 -7.29 5.72
C SER A 368 -3.91 -8.01 5.77
N ALA A 369 -2.83 -7.26 5.63
CA ALA A 369 -1.50 -7.81 5.83
C ALA A 369 -0.58 -6.68 6.24
N LEU A 370 0.28 -6.96 7.23
CA LEU A 370 1.30 -6.04 7.69
C LEU A 370 2.67 -6.61 7.33
N PHE A 371 3.54 -5.79 6.72
CA PHE A 371 4.91 -6.21 6.42
C PHE A 371 5.92 -5.18 6.90
N ALA A 372 7.00 -5.67 7.52
CA ALA A 372 8.16 -4.84 7.82
C ALA A 372 9.05 -4.80 6.58
N VAL A 373 9.19 -3.61 5.99
CA VAL A 373 9.96 -3.44 4.75
C VAL A 373 11.32 -2.87 5.14
N PRO A 374 12.38 -3.66 5.12
CA PRO A 374 13.64 -3.22 5.75
C PRO A 374 14.38 -2.21 4.88
N PRO A 375 15.44 -1.60 5.42
CA PRO A 375 16.30 -0.73 4.62
C PRO A 375 16.97 -1.50 3.50
N ALA A 376 17.52 -0.75 2.55
CA ALA A 376 18.30 -1.35 1.48
C ALA A 376 19.49 -2.12 2.04
N ALA A 377 19.80 -3.25 1.41
CA ALA A 377 20.96 -4.02 1.80
C ALA A 377 22.25 -3.31 1.37
N PRO A 378 23.32 -3.45 2.14
CA PRO A 378 24.62 -2.98 1.68
C PRO A 378 25.12 -3.84 0.54
N ALA A 379 26.13 -3.32 -0.17
CA ALA A 379 26.72 -4.07 -1.27
C ALA A 379 27.16 -5.45 -0.80
N GLY A 380 26.71 -6.48 -1.52
CA GLY A 380 27.05 -7.84 -1.18
C GLY A 380 26.23 -8.45 -0.06
N GLY A 381 25.41 -7.67 0.63
CA GLY A 381 24.54 -8.16 1.67
C GLY A 381 23.14 -8.47 1.16
N PHE A 382 22.23 -8.73 2.11
CA PHE A 382 20.87 -9.03 1.71
C PHE A 382 19.89 -8.42 2.71
N LEU A 383 18.65 -8.27 2.26
CA LEU A 383 17.63 -7.60 3.06
C LEU A 383 17.40 -8.32 4.37
N ALA A 384 17.33 -7.53 5.44
CA ALA A 384 17.12 -7.99 6.81
C ALA A 384 18.24 -8.89 7.31
N GLN A 385 19.44 -8.80 6.73
CA GLN A 385 20.52 -9.70 7.13
C GLN A 385 20.84 -9.61 8.63
N GLY A 386 20.57 -8.46 9.26
CA GLY A 386 20.90 -8.29 10.67
C GLY A 386 20.10 -9.16 11.61
N LEU A 387 18.98 -9.72 11.14
CA LEU A 387 18.22 -10.67 11.96
C LEU A 387 19.00 -11.94 12.24
N PHE A 388 19.94 -12.27 11.36
CA PHE A 388 20.58 -13.58 11.38
C PHE A 388 21.97 -13.54 12.03
N GLY A 389 22.29 -12.44 12.72
CA GLY A 389 23.53 -12.33 13.47
C GLY A 389 23.63 -13.26 14.67
#